data_5AZH
#
_entry.id   5AZH
#
_cell.length_a   35.532
_cell.length_b   55.193
_cell.length_c   72.592
_cell.angle_alpha   90.00
_cell.angle_beta   90.00
_cell.angle_gamma   90.00
#
_symmetry.space_group_name_H-M   'P 21 21 21'
#
loop_
_entity.id
_entity.type
_entity.pdbx_description
1 polymer 'EEEWEEL peptide,Protein lgg-2'
2 non-polymer 'MAGNESIUM ION'
3 water water
#
_entity_poly.entity_id   1
_entity_poly.type   'polypeptide(L)'
_entity_poly.pdbx_seq_one_letter_code
;EEEWEELGSGIVPSFKERRPFHERQKDVEEIRSQQPNKVPVIIERFDGERSLPLMDRCKFLVPEHITVAELMSIVRRRLQ
LHPQQAFFLLVNERSMVSNSMSMSNLYSQERDPDGFVYMVYTSQPAFG
;
_entity_poly.pdbx_strand_id   A
#
loop_
_chem_comp.id
_chem_comp.type
_chem_comp.name
_chem_comp.formula
MG non-polymer 'MAGNESIUM ION' 'Mg 2'
#
# COMPACT_ATOMS: atom_id res chain seq x y z
N GLU A 2 -0.07 -40.95 -9.71
CA GLU A 2 -1.29 -40.10 -9.74
C GLU A 2 -1.38 -39.20 -8.50
N GLU A 3 -0.56 -38.16 -8.47
CA GLU A 3 -0.44 -37.29 -7.30
C GLU A 3 -0.64 -35.84 -7.71
N TRP A 4 -1.41 -35.10 -6.92
CA TRP A 4 -1.75 -33.70 -7.23
C TRP A 4 -0.50 -32.87 -7.47
N GLU A 5 -0.41 -32.21 -8.62
CA GLU A 5 0.70 -31.29 -8.88
C GLU A 5 0.24 -29.84 -8.78
N GLU A 6 0.92 -29.08 -7.94
CA GLU A 6 0.58 -27.68 -7.71
C GLU A 6 1.03 -26.84 -8.89
N LEU A 7 0.19 -25.88 -9.27
CA LEU A 7 0.52 -24.94 -10.34
C LEU A 7 0.45 -23.56 -9.77
N GLY A 8 1.27 -22.68 -10.33
CA GLY A 8 1.25 -21.26 -9.97
C GLY A 8 1.89 -20.92 -8.64
N SER A 9 2.95 -21.63 -8.27
CA SER A 9 3.74 -21.28 -7.08
C SER A 9 4.46 -19.94 -7.30
N GLY A 10 4.86 -19.65 -8.54
CA GLY A 10 5.57 -18.43 -8.89
C GLY A 10 4.77 -17.14 -8.90
N ILE A 11 3.44 -17.22 -8.84
CA ILE A 11 2.59 -16.04 -8.84
C ILE A 11 2.32 -15.63 -7.41
N VAL A 12 2.89 -14.49 -7.03
CA VAL A 12 2.81 -14.00 -5.67
C VAL A 12 1.39 -13.48 -5.34
N PRO A 13 0.79 -14.02 -4.27
CA PRO A 13 -0.48 -13.43 -3.83
C PRO A 13 -0.28 -12.10 -3.10
N SER A 14 -1.31 -11.25 -3.17
CA SER A 14 -1.33 -10.02 -2.42
C SER A 14 -1.64 -10.32 -0.94
N PHE A 15 -1.52 -9.28 -0.12
CA PHE A 15 -1.82 -9.38 1.29
C PHE A 15 -3.21 -9.96 1.61
N LYS A 16 -4.27 -9.45 0.98
CA LYS A 16 -5.63 -9.95 1.21
C LYS A 16 -5.78 -11.42 0.80
N GLU A 17 -5.10 -11.81 -0.26
CA GLU A 17 -5.07 -13.19 -0.72
C GLU A 17 -4.22 -14.09 0.20
N ARG A 18 -3.17 -13.53 0.80
CA ARG A 18 -2.31 -14.26 1.76
C ARG A 18 -2.95 -14.53 3.13
N ARG A 19 -3.65 -13.53 3.68
CA ARG A 19 -4.19 -13.62 5.05
C ARG A 19 -5.70 -13.40 5.11
N PRO A 20 -6.42 -14.16 5.96
CA PRO A 20 -7.87 -14.00 6.06
C PRO A 20 -8.31 -12.70 6.72
N PHE A 21 -9.53 -12.28 6.39
CA PHE A 21 -10.11 -11.03 6.91
C PHE A 21 -9.99 -10.90 8.44
N HIS A 22 -10.47 -11.90 9.18
CA HIS A 22 -10.43 -11.89 10.64
C HIS A 22 -8.99 -11.81 11.18
N GLU A 23 -8.06 -12.42 10.46
CA GLU A 23 -6.65 -12.40 10.81
C GLU A 23 -5.99 -11.04 10.50
N ARG A 24 -6.44 -10.39 9.41
CA ARG A 24 -6.06 -8.99 9.12
C ARG A 24 -6.66 -8.02 10.13
N GLN A 25 -7.92 -8.25 10.49
CA GLN A 25 -8.64 -7.37 11.40
C GLN A 25 -8.04 -7.37 12.80
N LYS A 26 -7.54 -8.53 13.23
CA LYS A 26 -6.86 -8.67 14.51
C LYS A 26 -5.53 -7.92 14.54
N ASP A 27 -4.80 -7.90 13.42
CA ASP A 27 -3.51 -7.17 13.32
C ASP A 27 -3.67 -5.68 13.55
N VAL A 28 -4.76 -5.11 13.03
CA VAL A 28 -5.03 -3.68 13.17
C VAL A 28 -5.50 -3.37 14.60
N GLU A 29 -6.34 -4.24 15.15
CA GLU A 29 -6.82 -4.08 16.54
C GLU A 29 -5.66 -3.97 17.54
N GLU A 30 -4.76 -4.96 17.51
CA GLU A 30 -3.59 -4.96 18.39
C GLU A 30 -2.63 -3.80 18.15
N ILE A 31 -2.32 -3.52 16.89
CA ILE A 31 -1.37 -2.46 16.58
C ILE A 31 -1.88 -1.06 16.94
N ARG A 32 -3.16 -0.81 16.71
CA ARG A 32 -3.76 0.47 17.04
C ARG A 32 -3.70 0.72 18.55
N SER A 33 -3.89 -0.34 19.32
CA SER A 33 -3.78 -0.24 20.78
C SER A 33 -2.35 0.07 21.22
N GLN A 34 -1.36 -0.65 20.66
CA GLN A 34 0.05 -0.45 21.03
C GLN A 34 0.55 0.94 20.61
N GLN A 35 0.38 1.26 19.33
CA GLN A 35 0.87 2.49 18.74
C GLN A 35 -0.31 3.25 18.10
N PRO A 36 -1.14 3.91 18.94
CA PRO A 36 -2.35 4.60 18.47
C PRO A 36 -2.11 5.85 17.64
N ASN A 37 -0.89 6.37 17.64
CA ASN A 37 -0.55 7.51 16.80
C ASN A 37 0.02 7.11 15.43
N LYS A 38 -0.27 5.88 14.99
CA LYS A 38 0.30 5.34 13.76
C LYS A 38 -0.74 4.60 12.93
N VAL A 39 -0.63 4.75 11.61
CA VAL A 39 -1.62 4.30 10.64
C VAL A 39 -1.11 3.04 9.93
N PRO A 40 -1.89 1.94 9.98
CA PRO A 40 -1.52 0.73 9.24
C PRO A 40 -1.77 0.86 7.75
N VAL A 41 -0.74 0.62 6.95
CA VAL A 41 -0.85 0.72 5.49
C VAL A 41 -0.29 -0.53 4.80
N ILE A 42 -0.97 -0.93 3.73
CA ILE A 42 -0.48 -1.95 2.83
C ILE A 42 -0.13 -1.23 1.53
N ILE A 43 1.11 -1.37 1.12
CA ILE A 43 1.61 -0.72 -0.09
C ILE A 43 2.15 -1.82 -0.99
N GLU A 44 1.51 -2.03 -2.14
CA GLU A 44 1.89 -3.07 -3.11
C GLU A 44 2.00 -2.49 -4.52
N ARG A 45 2.66 -3.24 -5.40
CA ARG A 45 2.75 -2.88 -6.80
C ARG A 45 1.47 -3.25 -7.55
N PHE A 46 1.08 -2.38 -8.48
CA PHE A 46 -0.06 -2.60 -9.35
C PHE A 46 0.20 -3.81 -10.25
N ASP A 47 -0.87 -4.55 -10.53
CA ASP A 47 -0.78 -5.86 -11.21
C ASP A 47 -0.06 -5.84 -12.56
N GLY A 48 -0.49 -4.92 -13.42
CA GLY A 48 0.07 -4.82 -14.77
C GLY A 48 1.49 -4.26 -14.84
N GLU A 49 1.94 -3.63 -13.75
CA GLU A 49 3.15 -2.82 -13.73
C GLU A 49 4.41 -3.61 -14.11
N ARG A 50 5.11 -3.12 -15.13
CA ARG A 50 6.34 -3.72 -15.67
C ARG A 50 7.60 -2.86 -15.45
N SER A 51 7.47 -1.54 -15.27
CA SER A 51 8.65 -0.66 -15.12
C SER A 51 9.14 -0.61 -13.69
N LEU A 52 8.25 -0.25 -12.76
CA LEU A 52 8.60 -0.07 -11.35
C LEU A 52 8.90 -1.39 -10.65
N PRO A 53 9.82 -1.39 -9.67
CA PRO A 53 10.26 -2.62 -8.99
C PRO A 53 9.38 -3.05 -7.83
N LEU A 54 9.63 -4.26 -7.31
CA LEU A 54 9.01 -4.74 -6.07
C LEU A 54 9.81 -4.31 -4.85
N MET A 55 9.13 -4.20 -3.70
CA MET A 55 9.79 -4.02 -2.42
C MET A 55 9.66 -5.30 -1.62
N ASP A 56 10.53 -5.46 -0.63
CA ASP A 56 10.55 -6.65 0.24
C ASP A 56 9.39 -6.63 1.21
N ARG A 57 8.97 -5.45 1.64
CA ARG A 57 7.86 -5.30 2.56
C ARG A 57 6.60 -4.69 1.95
N CYS A 58 5.44 -5.17 2.41
CA CYS A 58 4.19 -4.51 2.12
C CYS A 58 3.45 -3.93 3.33
N LYS A 59 3.72 -4.42 4.54
CA LYS A 59 3.12 -3.89 5.77
C LYS A 59 3.90 -2.72 6.33
N PHE A 60 3.24 -1.59 6.53
CA PHE A 60 3.88 -0.37 7.01
C PHE A 60 3.07 0.35 8.09
N LEU A 61 3.79 1.06 8.96
CA LEU A 61 3.23 1.95 9.96
C LEU A 61 3.68 3.37 9.68
N VAL A 62 2.71 4.26 9.49
CA VAL A 62 2.99 5.66 9.18
C VAL A 62 2.42 6.57 10.28
N PRO A 63 3.28 7.43 10.89
CA PRO A 63 2.80 8.42 11.87
C PRO A 63 1.66 9.31 11.33
N GLU A 64 0.65 9.55 12.17
CA GLU A 64 -0.54 10.35 11.80
C GLU A 64 -0.22 11.68 11.13
N HIS A 65 0.82 12.36 11.59
CA HIS A 65 1.18 13.70 11.10
C HIS A 65 1.73 13.75 9.69
N ILE A 66 2.19 12.61 9.18
CA ILE A 66 2.80 12.57 7.86
C ILE A 66 1.77 12.92 6.78
N THR A 67 2.27 13.63 5.77
CA THR A 67 1.50 14.18 4.68
C THR A 67 1.50 13.18 3.55
N VAL A 68 0.48 13.28 2.71
CA VAL A 68 0.38 12.48 1.48
C VAL A 68 1.58 12.76 0.55
N ALA A 69 1.85 14.03 0.30
CA ALA A 69 3.06 14.44 -0.44
C ALA A 69 4.34 13.80 0.15
N GLU A 70 4.46 13.88 1.47
CA GLU A 70 5.61 13.30 2.18
C GLU A 70 5.70 11.77 2.03
N LEU A 71 4.55 11.09 2.05
CA LEU A 71 4.52 9.64 1.88
C LEU A 71 4.95 9.22 0.48
N MET A 72 4.46 9.94 -0.53
CA MET A 72 4.85 9.67 -1.91
C MET A 72 6.35 9.80 -2.12
N SER A 73 6.96 10.85 -1.59
CA SER A 73 8.42 11.02 -1.65
C SER A 73 9.18 9.88 -1.00
N ILE A 74 8.68 9.41 0.15
CA ILE A 74 9.28 8.27 0.86
C ILE A 74 9.17 7.00 0.01
N VAL A 75 7.98 6.74 -0.53
CA VAL A 75 7.77 5.53 -1.34
C VAL A 75 8.59 5.61 -2.64
N ARG A 76 8.65 6.80 -3.22
CA ARG A 76 9.46 7.04 -4.40
C ARG A 76 10.95 6.85 -4.09
N ARG A 77 11.41 7.41 -3.00
CA ARG A 77 12.82 7.29 -2.59
C ARG A 77 13.21 5.83 -2.30
N ARG A 78 12.31 5.09 -1.67
CA ARG A 78 12.58 3.72 -1.26
C ARG A 78 12.79 2.76 -2.45
N LEU A 79 12.09 3.03 -3.54
CA LEU A 79 12.16 2.22 -4.76
C LEU A 79 13.39 2.51 -5.63
N GLN A 80 14.03 3.66 -5.41
CA GLN A 80 15.27 4.06 -6.11
C GLN A 80 15.05 4.22 -7.61
N LEU A 81 14.27 5.23 -8.01
CA LEU A 81 13.93 5.42 -9.41
C LEU A 81 14.66 6.61 -9.99
N HIS A 82 14.73 6.61 -11.31
CA HIS A 82 15.14 7.76 -12.10
C HIS A 82 14.15 8.91 -11.80
N PRO A 83 14.65 10.15 -11.54
CA PRO A 83 13.74 11.25 -11.14
C PRO A 83 12.63 11.56 -12.16
N GLN A 84 12.95 11.47 -13.44
CA GLN A 84 11.94 11.57 -14.50
C GLN A 84 10.93 10.42 -14.52
N GLN A 85 11.30 9.23 -14.04
CA GLN A 85 10.38 8.09 -14.06
C GLN A 85 9.03 8.46 -13.44
N ALA A 86 7.94 8.12 -14.13
CA ALA A 86 6.59 8.40 -13.65
C ALA A 86 6.22 7.52 -12.48
N PHE A 87 5.65 8.12 -11.44
CA PHE A 87 5.21 7.39 -10.25
C PHE A 87 3.89 7.95 -9.78
N PHE A 88 2.92 7.07 -9.52
CA PHE A 88 1.60 7.44 -8.97
C PHE A 88 1.22 6.45 -7.89
N LEU A 89 0.55 6.95 -6.86
CA LEU A 89 0.15 6.15 -5.71
C LEU A 89 -1.38 6.24 -5.56
N LEU A 90 -2.07 5.10 -5.62
CA LEU A 90 -3.55 5.05 -5.67
C LEU A 90 -4.11 4.48 -4.37
N VAL A 91 -5.28 4.97 -3.95
CA VAL A 91 -6.07 4.39 -2.84
C VAL A 91 -7.45 4.10 -3.39
N ASN A 92 -7.90 2.85 -3.26
CA ASN A 92 -9.18 2.43 -3.85
C ASN A 92 -9.26 2.79 -5.34
N GLU A 93 -8.19 2.45 -6.05
CA GLU A 93 -8.07 2.71 -7.49
C GLU A 93 -8.32 4.17 -7.88
N ARG A 94 -7.94 5.08 -7.00
CA ARG A 94 -8.05 6.50 -7.27
C ARG A 94 -6.69 7.17 -7.05
N SER A 95 -6.24 7.92 -8.05
CA SER A 95 -4.94 8.59 -7.98
C SER A 95 -4.97 9.67 -6.91
N MET A 96 -3.78 9.95 -6.37
CA MET A 96 -3.62 10.93 -5.31
C MET A 96 -2.69 12.04 -5.75
N VAL A 97 -3.07 13.28 -5.47
CA VAL A 97 -2.22 14.44 -5.70
C VAL A 97 -1.30 14.63 -4.50
N SER A 98 -0.09 15.16 -4.73
CA SER A 98 0.80 15.54 -3.63
C SER A 98 0.22 16.74 -2.89
N ASN A 99 -0.67 16.44 -1.94
CA ASN A 99 -1.42 17.46 -1.20
C ASN A 99 -0.97 17.48 0.26
N SER A 100 -1.58 18.36 1.06
CA SER A 100 -1.15 18.62 2.43
C SER A 100 -1.82 17.73 3.52
N MET A 101 -2.64 16.77 3.15
CA MET A 101 -3.51 16.11 4.15
C MET A 101 -2.77 15.04 4.94
N SER A 102 -3.14 14.94 6.22
CA SER A 102 -2.51 14.03 7.15
C SER A 102 -2.92 12.60 6.90
N MET A 103 -2.10 11.67 7.38
CA MET A 103 -2.42 10.25 7.33
C MET A 103 -3.66 9.91 8.17
N SER A 104 -3.86 10.59 9.29
CA SER A 104 -5.06 10.38 10.11
C SER A 104 -6.33 10.77 9.36
N ASN A 105 -6.28 11.87 8.60
CA ASN A 105 -7.41 12.25 7.74
C ASN A 105 -7.59 11.28 6.57
N LEU A 106 -6.49 10.79 6.01
CA LEU A 106 -6.55 9.79 4.94
C LEU A 106 -7.15 8.47 5.45
N TYR A 107 -6.63 8.02 6.58
CA TYR A 107 -7.13 6.82 7.26
C TYR A 107 -8.64 6.86 7.54
N SER A 108 -9.12 7.98 8.05
CA SER A 108 -10.56 8.14 8.32
C SER A 108 -11.38 8.03 7.05
N GLN A 109 -10.88 8.63 5.99
CA GLN A 109 -11.59 8.76 4.72
C GLN A 109 -11.47 7.53 3.81
N GLU A 110 -10.37 6.77 3.92
CA GLU A 110 -10.05 5.71 2.96
C GLU A 110 -9.85 4.31 3.52
N ARG A 111 -9.87 4.14 4.85
CA ARG A 111 -9.67 2.82 5.48
C ARG A 111 -10.59 1.71 4.93
N ASP A 112 -10.03 0.51 4.86
CA ASP A 112 -10.77 -0.69 4.47
C ASP A 112 -11.52 -1.22 5.71
N PRO A 113 -12.63 -1.96 5.50
CA PRO A 113 -13.31 -2.67 6.60
C PRO A 113 -12.40 -3.45 7.56
N ASP A 114 -11.31 -4.04 7.06
CA ASP A 114 -10.37 -4.77 7.93
C ASP A 114 -9.47 -3.89 8.80
N GLY A 115 -9.43 -2.59 8.52
CA GLY A 115 -8.68 -1.65 9.35
C GLY A 115 -7.47 -1.03 8.66
N PHE A 116 -6.95 -1.71 7.63
CA PHE A 116 -5.83 -1.19 6.83
C PHE A 116 -6.30 -0.17 5.81
N VAL A 117 -5.34 0.66 5.40
CA VAL A 117 -5.45 1.44 4.18
C VAL A 117 -4.63 0.69 3.15
N TYR A 118 -5.23 0.48 1.98
CA TYR A 118 -4.58 -0.23 0.88
C TYR A 118 -4.14 0.76 -0.19
N MET A 119 -2.86 0.72 -0.54
CA MET A 119 -2.32 1.58 -1.61
C MET A 119 -1.59 0.74 -2.64
N VAL A 120 -1.59 1.23 -3.88
CA VAL A 120 -0.85 0.59 -4.98
C VAL A 120 -0.12 1.63 -5.82
N TYR A 121 1.10 1.29 -6.22
CA TYR A 121 1.92 2.21 -6.98
C TYR A 121 2.08 1.79 -8.44
N THR A 122 2.02 2.76 -9.35
CA THR A 122 2.00 2.51 -10.80
C THR A 122 2.82 3.53 -11.57
N SER A 123 3.23 3.12 -12.77
CA SER A 123 3.85 4.00 -13.76
C SER A 123 2.79 4.56 -14.70
N GLN A 124 1.69 3.81 -14.88
CA GLN A 124 0.55 4.20 -15.72
C GLN A 124 -0.22 5.39 -15.11
N PRO A 125 -0.21 6.56 -15.79
CA PRO A 125 -1.06 7.66 -15.32
C PRO A 125 -2.56 7.39 -15.50
N ALA A 126 -3.37 8.06 -14.69
CA ALA A 126 -4.83 7.90 -14.73
C ALA A 126 -5.38 8.34 -16.07
N PHE A 127 -5.07 9.57 -16.44
CA PHE A 127 -5.47 10.14 -17.71
C PHE A 127 -4.24 10.33 -18.58
N GLY A 128 -4.44 10.36 -19.88
CA GLY A 128 -3.37 10.65 -20.84
C GLY A 128 -2.56 9.42 -21.16
MG MG B . -2.75 -11.58 -8.89
#